data_9QG8
#
_entry.id   9QG8
#
_cell.length_a   205.947
_cell.length_b   49.038
_cell.length_c   39.380
_cell.angle_alpha   90.00
_cell.angle_beta   94.69
_cell.angle_gamma   90.00
#
_symmetry.space_group_name_H-M   'C 1 2 1'
#
loop_
_entity.id
_entity.type
_entity.pdbx_description
1 polymer 'MHC class I antigen'
2 polymer Beta-2-microglobulin
3 polymer LYS-THR-MET-MET-ALA-HIS-ASP-LEU
4 non-polymer GLYCEROL
5 water water
#
loop_
_entity_poly.entity_id
_entity_poly.type
_entity_poly.pdbx_seq_one_letter_code
_entity_poly.pdbx_strand_id
1 'polypeptide(L)'
;MVLHSLHYLDVAVSEPSPGIPQFVAMGFVDGIPFTRYDSERGRMEPLTEWIKDSADPEYWDSQTQIGVGSQHVYARSLET
LRERYNQSGGLHTVLRVYGCELLSDGSVRGSERFGYDGRDFISFDLESGRFMAADSAAEITRRRWEHEGIVAERQTNYLK
HECPEWLQKYVGYGQKELERKEPPDVHVSGKEEHGTLILSCHAYGFYPKTIAVNWMKGDEIWDQETEWGGVVPNSDGTFH
TWARIEALPEEREQYRCRVEHPGMPEPGIFAWEPT
;
A
2 'polypeptide(L)'
;MHHHHHHSSGVDLGTENLYFQSMAGEAPKVEVYARSRAEEGKENILHCFITGFHPPKIDVELLKNGEPMPGVTYGDLSFN
DKWQFQRLVYVPFIPTREDIFTCRVAHSTMPEPRSYRWEPDF
;
B
3 'polypeptide(L)' KTMMAHDL K
#
loop_
_chem_comp.id
_chem_comp.type
_chem_comp.name
_chem_comp.formula
GOL non-polymer GLYCEROL 'C3 H8 O3'
#
# COMPACT_ATOMS: atom_id res chain seq x y z
N MET A 1 -18.73 -9.13 7.53
CA MET A 1 -17.85 -8.50 6.55
C MET A 1 -17.46 -7.10 7.01
N VAL A 2 -16.23 -6.71 6.67
CA VAL A 2 -15.68 -5.44 7.13
C VAL A 2 -16.42 -4.29 6.45
N LEU A 3 -17.04 -3.43 7.26
CA LEU A 3 -17.64 -2.20 6.74
C LEU A 3 -16.59 -1.10 6.62
N HIS A 4 -15.85 -0.83 7.69
CA HIS A 4 -14.84 0.21 7.70
C HIS A 4 -13.63 -0.28 8.49
N SER A 5 -12.52 0.46 8.36
CA SER A 5 -11.30 0.07 9.04
C SER A 5 -10.49 1.31 9.39
N LEU A 6 -9.74 1.21 10.48
CA LEU A 6 -8.76 2.21 10.87
C LEU A 6 -7.52 1.48 11.35
N HIS A 7 -6.39 1.72 10.67
CA HIS A 7 -5.15 1.06 11.05
C HIS A 7 -3.99 2.01 10.86
N TYR A 8 -2.90 1.71 11.57
CA TYR A 8 -1.71 2.54 11.59
C TYR A 8 -0.51 1.68 11.24
N LEU A 9 0.46 2.29 10.56
CA LEU A 9 1.69 1.63 10.18
C LEU A 9 2.86 2.42 10.78
N ASP A 10 3.70 1.72 11.54
CA ASP A 10 4.88 2.33 12.15
C ASP A 10 6.11 1.71 11.51
N VAL A 11 6.99 2.55 10.98
CA VAL A 11 8.26 2.12 10.42
C VAL A 11 9.36 2.89 11.15
N ALA A 12 10.25 2.14 11.81
CA ALA A 12 11.39 2.73 12.50
C ALA A 12 12.66 1.99 12.06
N VAL A 13 13.71 2.75 11.75
CA VAL A 13 14.96 2.17 11.28
C VAL A 13 16.10 2.62 12.18
N SER A 14 17.16 1.80 12.22
CA SER A 14 18.31 2.12 13.06
C SER A 14 19.19 3.19 12.43
N GLU A 15 19.21 3.29 11.11
CA GLU A 15 19.99 4.33 10.43
C GLU A 15 19.17 4.93 9.30
N PRO A 16 18.78 6.20 9.41
CA PRO A 16 17.97 6.81 8.35
C PRO A 16 18.74 6.92 7.04
N SER A 17 18.02 6.77 5.94
CA SER A 17 18.53 6.91 4.58
C SER A 17 17.60 7.84 3.83
N PRO A 18 18.02 8.32 2.65
CA PRO A 18 17.14 9.22 1.89
C PRO A 18 15.78 8.60 1.64
N GLY A 19 14.73 9.33 2.03
CA GLY A 19 13.37 8.85 1.92
C GLY A 19 12.89 7.97 3.05
N ILE A 20 13.78 7.59 3.97
CA ILE A 20 13.43 6.77 5.12
C ILE A 20 13.88 7.49 6.39
N PRO A 21 13.02 8.30 6.99
CA PRO A 21 13.37 8.94 8.27
C PRO A 21 13.51 7.91 9.38
N GLN A 22 13.97 8.39 10.54
CA GLN A 22 14.14 7.53 11.70
C GLN A 22 12.84 6.83 12.08
N PHE A 23 11.73 7.57 12.05
CA PHE A 23 10.46 7.02 12.48
C PHE A 23 9.33 7.73 11.75
N VAL A 24 8.44 6.95 11.16
CA VAL A 24 7.23 7.46 10.51
C VAL A 24 6.06 6.61 10.97
N ALA A 25 4.95 7.26 11.31
CA ALA A 25 3.71 6.60 11.68
C ALA A 25 2.59 7.15 10.80
N MET A 26 1.86 6.25 10.16
CA MET A 26 0.82 6.63 9.22
C MET A 26 -0.52 6.01 9.59
N GLY A 27 -1.56 6.82 9.49
CA GLY A 27 -2.93 6.39 9.74
C GLY A 27 -3.70 6.24 8.44
N PHE A 28 -4.53 5.20 8.39
CA PHE A 28 -5.36 4.92 7.23
C PHE A 28 -6.79 4.69 7.70
N VAL A 29 -7.74 5.29 6.99
CA VAL A 29 -9.16 5.04 7.20
C VAL A 29 -9.70 4.40 5.93
N ASP A 30 -10.13 3.15 6.03
CA ASP A 30 -10.55 2.35 4.87
C ASP A 30 -9.46 2.31 3.80
N GLY A 31 -8.21 2.30 4.23
CA GLY A 31 -7.10 2.22 3.30
C GLY A 31 -6.57 3.53 2.78
N ILE A 32 -7.23 4.65 3.07
CA ILE A 32 -6.76 5.95 2.61
C ILE A 32 -5.91 6.61 3.69
N PRO A 33 -4.69 7.07 3.38
CA PRO A 33 -3.91 7.83 4.35
C PRO A 33 -4.64 9.10 4.76
N PHE A 34 -4.64 9.39 6.07
CA PHE A 34 -5.25 10.64 6.53
C PHE A 34 -4.46 11.39 7.58
N THR A 35 -3.51 10.76 8.28
CA THR A 35 -2.64 11.44 9.23
C THR A 35 -1.24 10.86 9.12
N ARG A 36 -0.24 11.65 9.49
CA ARG A 36 1.15 11.23 9.41
C ARG A 36 1.97 11.91 10.49
N TYR A 37 2.77 11.12 11.20
CA TYR A 37 3.83 11.62 12.06
C TYR A 37 5.18 11.21 11.47
N ASP A 38 6.13 12.13 11.53
CA ASP A 38 7.44 11.94 10.94
C ASP A 38 8.48 12.49 11.92
N SER A 39 9.58 11.77 12.09
CA SER A 39 10.57 12.16 13.09
C SER A 39 11.41 13.37 12.67
N GLU A 40 11.39 13.74 11.38
CA GLU A 40 12.10 14.94 10.95
C GLU A 40 11.27 16.18 11.26
N ARG A 41 9.96 16.12 11.00
CA ARG A 41 9.08 17.24 11.32
C ARG A 41 8.68 17.27 12.78
N GLY A 42 8.58 16.11 13.43
CA GLY A 42 8.20 16.06 14.82
C GLY A 42 6.78 16.52 15.09
N ARG A 43 5.90 16.41 14.10
CA ARG A 43 4.52 16.88 14.21
C ARG A 43 3.58 15.84 13.62
N MET A 44 2.41 15.68 14.24
CA MET A 44 1.31 14.95 13.64
C MET A 44 0.52 15.90 12.74
N GLU A 45 0.28 15.47 11.51
CA GLU A 45 -0.25 16.38 10.50
C GLU A 45 -1.35 15.72 9.68
N PRO A 46 -2.33 16.49 9.21
CA PRO A 46 -3.39 15.90 8.38
C PRO A 46 -2.90 15.64 6.97
N LEU A 47 -3.47 14.61 6.36
CA LEU A 47 -3.19 14.28 4.97
C LEU A 47 -4.41 14.44 4.06
N THR A 48 -5.58 14.72 4.63
CA THR A 48 -6.79 15.01 3.87
C THR A 48 -7.43 16.28 4.40
N GLU A 49 -8.34 16.84 3.60
CA GLU A 49 -9.05 18.05 4.00
C GLU A 49 -10.09 17.78 5.08
N TRP A 50 -10.75 16.62 5.03
CA TRP A 50 -11.83 16.37 5.97
C TRP A 50 -11.33 16.21 7.39
N ILE A 51 -10.14 15.63 7.58
CA ILE A 51 -9.62 15.49 8.93
C ILE A 51 -9.10 16.82 9.45
N LYS A 52 -8.60 17.67 8.57
CA LYS A 52 -8.11 18.98 9.00
C LYS A 52 -9.26 19.89 9.44
N ASP A 53 -10.42 19.78 8.78
CA ASP A 53 -11.53 20.66 9.10
C ASP A 53 -12.20 20.26 10.41
N SER A 54 -12.22 18.95 10.72
CA SER A 54 -13.05 18.44 11.81
C SER A 54 -12.31 18.29 13.13
N ALA A 55 -10.99 18.29 13.12
CA ALA A 55 -10.20 18.07 14.33
C ALA A 55 -9.81 19.40 14.96
N ASP A 56 -9.86 19.45 16.29
CA ASP A 56 -9.44 20.61 17.06
C ASP A 56 -7.93 20.54 17.34
N PRO A 57 -7.30 21.68 17.66
CA PRO A 57 -5.85 21.67 17.90
C PRO A 57 -5.38 20.66 18.93
N GLU A 58 -6.22 20.30 19.91
CA GLU A 58 -5.83 19.30 20.89
C GLU A 58 -5.58 17.94 20.24
N TYR A 59 -6.33 17.63 19.17
CA TYR A 59 -6.14 16.36 18.46
C TYR A 59 -4.73 16.24 17.91
N TRP A 60 -4.21 17.32 17.32
CA TRP A 60 -2.90 17.25 16.68
C TRP A 60 -1.76 17.32 17.70
N ASP A 61 -1.98 18.01 18.82
CA ASP A 61 -0.91 18.16 19.80
C ASP A 61 -0.77 16.91 20.67
N SER A 62 -1.88 16.27 21.03
CA SER A 62 -1.80 15.06 21.83
C SER A 62 -1.12 13.94 21.06
N GLN A 63 -1.33 13.89 19.73
CA GLN A 63 -0.72 12.84 18.93
C GLN A 63 0.73 13.16 18.58
N THR A 64 1.08 14.44 18.50
CA THR A 64 2.49 14.80 18.45
C THR A 64 3.21 14.27 19.69
N GLN A 65 2.56 14.35 20.85
CA GLN A 65 3.12 13.76 22.07
C GLN A 65 3.29 12.25 21.93
N ILE A 66 2.28 11.57 21.38
CA ILE A 66 2.35 10.13 21.24
C ILE A 66 3.41 9.73 20.22
N GLY A 67 3.53 10.52 19.14
CA GLY A 67 4.56 10.23 18.15
C GLY A 67 5.97 10.46 18.69
N VAL A 68 6.17 11.55 19.44
CA VAL A 68 7.47 11.80 20.05
C VAL A 68 7.83 10.68 21.02
N GLY A 69 6.84 10.20 21.78
CA GLY A 69 7.12 9.11 22.72
C GLY A 69 7.46 7.82 22.02
N SER A 70 6.68 7.45 20.99
CA SER A 70 6.96 6.23 20.25
C SER A 70 8.33 6.28 19.60
N GLN A 71 8.76 7.47 19.16
CA GLN A 71 10.06 7.62 18.54
C GLN A 71 11.18 7.18 19.46
N HIS A 72 11.06 7.48 20.76
CA HIS A 72 12.07 7.04 21.72
C HIS A 72 11.93 5.56 22.04
N VAL A 73 10.69 5.06 22.09
CA VAL A 73 10.47 3.64 22.34
C VAL A 73 11.13 2.78 21.27
N TYR A 74 10.98 3.18 20.00
CA TYR A 74 11.54 2.37 18.93
C TYR A 74 13.06 2.43 18.88
N ALA A 75 13.64 3.56 19.28
CA ALA A 75 15.10 3.63 19.41
C ALA A 75 15.61 2.63 20.43
N ARG A 76 14.92 2.51 21.57
CA ARG A 76 15.31 1.52 22.58
C ARG A 76 15.03 0.11 22.09
N SER A 77 13.89 -0.09 21.44
CA SER A 77 13.53 -1.43 20.96
C SER A 77 14.56 -1.93 19.95
N LEU A 78 14.87 -1.10 18.94
CA LEU A 78 15.91 -1.44 17.98
C LEU A 78 17.23 -1.78 18.68
N GLU A 79 17.61 -0.97 19.67
CA GLU A 79 18.81 -1.29 20.44
C GLU A 79 18.67 -2.63 21.14
N THR A 80 17.49 -2.90 21.72
CA THR A 80 17.32 -4.14 22.47
C THR A 80 17.37 -5.35 21.56
N LEU A 81 16.72 -5.29 20.40
CA LEU A 81 16.62 -6.46 19.52
C LEU A 81 17.95 -6.82 18.86
N ARG A 82 18.92 -5.90 18.86
CA ARG A 82 20.18 -6.13 18.14
C ARG A 82 21.01 -7.21 18.81
N GLU A 83 20.95 -7.29 20.14
CA GLU A 83 21.70 -8.26 20.91
C GLU A 83 20.93 -9.55 21.13
N ARG A 84 19.61 -9.47 21.33
CA ARG A 84 18.79 -10.66 21.45
C ARG A 84 18.94 -11.57 20.23
N TYR A 85 19.15 -10.98 19.06
CA TYR A 85 19.40 -11.73 17.84
C TYR A 85 20.88 -11.81 17.50
N ASN A 86 21.75 -11.32 18.39
CA ASN A 86 23.19 -11.38 18.20
C ASN A 86 23.60 -10.77 16.86
N GLN A 87 23.04 -9.60 16.57
CA GLN A 87 23.24 -8.92 15.31
C GLN A 87 24.30 -7.83 15.42
N SER A 88 24.94 -7.52 14.30
CA SER A 88 25.89 -6.43 14.21
C SER A 88 25.15 -5.15 13.83
N GLY A 89 25.88 -4.04 13.74
CA GLY A 89 25.27 -2.77 13.40
C GLY A 89 24.78 -2.71 11.96
N GLY A 90 24.28 -1.55 11.54
CA GLY A 90 23.77 -1.39 10.19
C GLY A 90 22.29 -1.12 10.15
N LEU A 91 21.64 -1.40 9.02
CA LEU A 91 20.22 -1.12 8.87
C LEU A 91 19.40 -2.23 9.51
N HIS A 92 18.64 -1.88 10.55
CA HIS A 92 17.65 -2.78 11.13
C HIS A 92 16.32 -2.04 11.20
N THR A 93 15.23 -2.79 11.11
CA THR A 93 13.90 -2.21 10.97
C THR A 93 12.93 -2.89 11.93
N VAL A 94 12.18 -2.08 12.68
CA VAL A 94 11.05 -2.53 13.47
C VAL A 94 9.78 -1.98 12.84
N LEU A 95 8.80 -2.85 12.63
CA LEU A 95 7.53 -2.47 12.02
C LEU A 95 6.40 -2.80 12.98
N ARG A 96 5.39 -1.94 13.02
CA ARG A 96 4.19 -2.21 13.80
C ARG A 96 2.97 -1.81 13.00
N VAL A 97 1.99 -2.71 12.92
CA VAL A 97 0.70 -2.42 12.34
C VAL A 97 -0.36 -2.75 13.38
N TYR A 98 -1.25 -1.79 13.66
CA TYR A 98 -2.30 -1.99 14.63
C TYR A 98 -3.54 -1.24 14.17
N GLY A 99 -4.70 -1.73 14.59
CA GLY A 99 -5.94 -1.09 14.25
C GLY A 99 -7.12 -2.00 14.48
N CYS A 100 -8.26 -1.58 13.95
CA CYS A 100 -9.53 -2.26 14.19
C CYS A 100 -10.38 -2.18 12.93
N GLU A 101 -11.38 -3.06 12.87
CA GLU A 101 -12.33 -3.11 11.76
C GLU A 101 -13.73 -3.28 12.34
N LEU A 102 -14.68 -2.49 11.81
CA LEU A 102 -16.09 -2.65 12.16
C LEU A 102 -16.73 -3.61 11.16
N LEU A 103 -17.09 -4.80 11.64
CA LEU A 103 -17.72 -5.80 10.79
C LEU A 103 -19.20 -5.47 10.59
N SER A 104 -19.81 -6.19 9.65
CA SER A 104 -21.23 -6.02 9.37
C SER A 104 -22.12 -6.50 10.52
N ASP A 105 -21.63 -7.44 11.33
CA ASP A 105 -22.39 -7.94 12.46
C ASP A 105 -22.39 -7.00 13.64
N GLY A 106 -21.64 -5.90 13.58
CA GLY A 106 -21.49 -5.00 14.70
C GLY A 106 -20.30 -5.28 15.58
N SER A 107 -19.65 -6.43 15.43
CA SER A 107 -18.47 -6.75 16.21
C SER A 107 -17.27 -5.96 15.70
N VAL A 108 -16.17 -6.05 16.45
CA VAL A 108 -14.92 -5.39 16.10
C VAL A 108 -13.80 -6.42 16.18
N ARG A 109 -12.99 -6.49 15.13
CA ARG A 109 -11.75 -7.26 15.14
C ARG A 109 -10.58 -6.30 15.21
N GLY A 110 -9.63 -6.57 16.09
CA GLY A 110 -8.49 -5.71 16.29
C GLY A 110 -7.24 -6.51 16.53
N SER A 111 -6.10 -5.91 16.17
CA SER A 111 -4.84 -6.58 16.30
C SER A 111 -3.73 -5.54 16.35
N GLU A 112 -2.61 -5.92 16.97
CA GLU A 112 -1.37 -5.15 16.94
C GLU A 112 -0.25 -6.12 16.70
N ARG A 113 0.49 -5.94 15.61
CA ARG A 113 1.54 -6.87 15.21
C ARG A 113 2.87 -6.15 15.10
N PHE A 114 3.92 -6.76 15.63
CA PHE A 114 5.27 -6.26 15.51
C PHE A 114 6.06 -7.18 14.57
N GLY A 115 6.91 -6.57 13.75
CA GLY A 115 7.84 -7.32 12.94
C GLY A 115 9.23 -6.74 13.07
N TYR A 116 10.22 -7.61 12.84
CA TYR A 116 11.61 -7.18 12.92
C TYR A 116 12.39 -7.79 11.77
N ASP A 117 12.98 -6.92 10.95
CA ASP A 117 13.83 -7.32 9.83
C ASP A 117 13.12 -8.33 8.92
N GLY A 118 11.81 -8.13 8.75
CA GLY A 118 11.02 -8.90 7.80
C GLY A 118 10.37 -10.16 8.32
N ARG A 119 10.35 -10.37 9.63
CA ARG A 119 9.74 -11.55 10.20
C ARG A 119 8.88 -11.15 11.39
N ASP A 120 7.90 -12.00 11.69
CA ASP A 120 7.08 -11.81 12.87
C ASP A 120 7.94 -11.71 14.12
N PHE A 121 7.56 -10.81 15.02
CA PHE A 121 8.15 -10.74 16.35
C PHE A 121 7.10 -11.06 17.41
N ILE A 122 6.12 -10.18 17.62
CA ILE A 122 5.10 -10.41 18.62
C ILE A 122 3.79 -9.79 18.12
N SER A 123 2.67 -10.38 18.53
CA SER A 123 1.36 -9.95 18.09
C SER A 123 0.35 -10.09 19.21
N PHE A 124 -0.73 -9.32 19.11
CA PHE A 124 -1.84 -9.36 20.05
C PHE A 124 -3.15 -9.29 19.26
N ASP A 125 -4.16 -10.02 19.72
CA ASP A 125 -5.45 -10.09 19.03
C ASP A 125 -6.56 -9.95 20.05
N LEU A 126 -7.67 -9.35 19.61
CA LEU A 126 -8.83 -9.21 20.50
C LEU A 126 -9.48 -10.55 20.80
N GLU A 127 -9.51 -11.45 19.81
CA GLU A 127 -10.10 -12.77 20.02
C GLU A 127 -9.27 -13.57 21.03
N SER A 128 -8.00 -13.81 20.73
CA SER A 128 -7.18 -14.60 21.63
C SER A 128 -6.92 -13.87 22.93
N GLY A 129 -6.82 -12.54 22.87
CA GLY A 129 -6.48 -11.77 24.06
C GLY A 129 -5.11 -12.05 24.64
N ARG A 130 -4.29 -12.86 23.97
CA ARG A 130 -2.95 -13.19 24.46
C ARG A 130 -1.89 -12.78 23.44
N PHE A 131 -0.68 -12.56 23.95
CA PHE A 131 0.45 -12.24 23.08
C PHE A 131 1.04 -13.51 22.50
N MET A 132 1.30 -13.48 21.20
CA MET A 132 1.94 -14.59 20.50
CA MET A 132 1.93 -14.60 20.50
C MET A 132 3.36 -14.21 20.14
N ALA A 133 4.33 -14.91 20.73
CA ALA A 133 5.73 -14.69 20.42
C ALA A 133 6.15 -15.63 19.30
N ALA A 134 6.95 -15.10 18.38
CA ALA A 134 7.40 -15.85 17.20
C ALA A 134 8.67 -16.65 17.44
N ASP A 135 9.48 -16.27 18.42
CA ASP A 135 10.71 -17.01 18.72
C ASP A 135 11.08 -16.77 20.17
N SER A 136 12.25 -17.27 20.58
CA SER A 136 12.70 -17.11 21.95
C SER A 136 13.05 -15.67 22.29
N ALA A 137 13.53 -14.91 21.31
CA ALA A 137 13.85 -13.50 21.55
C ALA A 137 12.58 -12.72 21.91
N ALA A 138 11.49 -13.00 21.21
CA ALA A 138 10.20 -12.37 21.49
C ALA A 138 9.55 -12.94 22.74
N GLU A 139 9.97 -14.11 23.20
CA GLU A 139 9.45 -14.65 24.46
C GLU A 139 9.85 -13.80 25.65
N ILE A 140 11.04 -13.16 25.57
CA ILE A 140 11.47 -12.27 26.62
C ILE A 140 10.49 -11.10 26.77
N THR A 141 10.07 -10.51 25.65
CA THR A 141 9.10 -9.42 25.68
C THR A 141 7.73 -9.93 26.11
N ARG A 142 7.35 -11.13 25.66
CA ARG A 142 6.04 -11.67 26.01
C ARG A 142 5.92 -11.92 27.50
N ARG A 143 6.97 -12.47 28.12
CA ARG A 143 6.95 -12.70 29.57
C ARG A 143 6.78 -11.40 30.33
N ARG A 144 7.59 -10.39 29.99
CA ARG A 144 7.51 -9.11 30.69
C ARG A 144 6.14 -8.47 30.51
N TRP A 145 5.59 -8.53 29.30
CA TRP A 145 4.28 -7.92 29.04
C TRP A 145 3.16 -8.65 29.75
N GLU A 146 3.25 -9.98 29.88
CA GLU A 146 2.20 -10.75 30.52
C GLU A 146 2.23 -10.64 32.04
N HIS A 147 3.43 -10.52 32.63
CA HIS A 147 3.53 -10.34 34.08
C HIS A 147 2.72 -9.13 34.53
N GLU A 148 3.13 -7.94 34.10
CA GLU A 148 2.44 -6.71 34.48
C GLU A 148 0.98 -6.72 34.09
N GLY A 149 0.56 -7.59 33.17
CA GLY A 149 -0.82 -7.70 32.74
C GLY A 149 -1.37 -6.42 32.17
N ILE A 150 -0.51 -5.40 32.10
CA ILE A 150 -0.97 -4.04 31.82
C ILE A 150 -0.91 -3.73 30.33
N VAL A 151 0.02 -4.33 29.59
CA VAL A 151 0.04 -4.14 28.14
C VAL A 151 -1.21 -4.73 27.52
N ALA A 152 -1.56 -5.96 27.92
CA ALA A 152 -2.77 -6.60 27.43
C ALA A 152 -4.02 -5.82 27.81
N GLU A 153 -4.00 -5.15 28.96
CA GLU A 153 -5.15 -4.36 29.38
C GLU A 153 -5.29 -3.10 28.52
N ARG A 154 -4.18 -2.39 28.31
CA ARG A 154 -4.21 -1.20 27.46
C ARG A 154 -4.50 -1.57 26.02
N GLN A 155 -3.99 -2.71 25.55
CA GLN A 155 -4.17 -3.10 24.16
C GLN A 155 -5.61 -3.49 23.87
N THR A 156 -6.22 -4.28 24.75
CA THR A 156 -7.62 -4.65 24.59
C THR A 156 -8.50 -3.42 24.66
N ASN A 157 -8.14 -2.47 25.51
CA ASN A 157 -8.95 -1.29 25.72
C ASN A 157 -8.87 -0.34 24.53
N TYR A 158 -7.69 -0.25 23.88
CA TYR A 158 -7.58 0.56 22.68
C TYR A 158 -8.29 -0.10 21.52
N LEU A 159 -7.99 -1.37 21.26
CA LEU A 159 -8.48 -2.02 20.05
C LEU A 159 -9.98 -2.25 20.08
N LYS A 160 -10.56 -2.48 21.25
CA LYS A 160 -11.98 -2.81 21.35
C LYS A 160 -12.87 -1.60 21.58
N HIS A 161 -12.33 -0.51 22.15
CA HIS A 161 -13.16 0.64 22.50
C HIS A 161 -12.67 1.92 21.84
N GLU A 162 -11.42 2.35 22.08
CA GLU A 162 -10.95 3.61 21.53
C GLU A 162 -10.89 3.57 20.01
N CYS A 163 -10.27 2.54 19.46
CA CYS A 163 -10.09 2.47 18.00
C CYS A 163 -11.42 2.52 17.25
N PRO A 164 -12.44 1.71 17.56
CA PRO A 164 -13.70 1.82 16.80
C PRO A 164 -14.43 3.14 17.02
N GLU A 165 -14.33 3.72 18.22
CA GLU A 165 -15.00 5.00 18.46
C GLU A 165 -14.37 6.12 17.64
N TRP A 166 -13.05 6.11 17.50
CA TRP A 166 -12.41 7.06 16.60
C TRP A 166 -12.75 6.73 15.15
N LEU A 167 -12.86 5.44 14.83
CA LEU A 167 -13.21 5.05 13.46
C LEU A 167 -14.58 5.56 13.07
N GLN A 168 -15.58 5.38 13.94
CA GLN A 168 -16.90 5.95 13.70
C GLN A 168 -16.82 7.47 13.53
N LYS A 169 -15.96 8.11 14.32
CA LYS A 169 -15.76 9.55 14.17
C LYS A 169 -15.13 9.90 12.83
N TYR A 170 -14.19 9.07 12.37
CA TYR A 170 -13.52 9.33 11.10
C TYR A 170 -14.44 9.07 9.92
N VAL A 171 -15.31 8.05 10.01
CA VAL A 171 -16.23 7.76 8.93
C VAL A 171 -17.17 8.94 8.69
N GLY A 172 -17.66 9.54 9.78
CA GLY A 172 -18.52 10.71 9.64
C GLY A 172 -17.78 11.94 9.16
N TYR A 173 -16.47 12.02 9.40
CA TYR A 173 -15.73 13.22 9.01
C TYR A 173 -15.50 13.27 7.50
N GLY A 174 -15.15 12.14 6.89
CA GLY A 174 -14.85 12.12 5.46
C GLY A 174 -15.82 11.30 4.63
N GLN A 175 -17.08 11.24 5.08
CA GLN A 175 -18.09 10.43 4.42
C GLN A 175 -18.18 10.72 2.93
N LYS A 176 -18.01 11.99 2.54
CA LYS A 176 -18.16 12.35 1.14
C LYS A 176 -17.03 11.78 0.30
N GLU A 177 -15.81 11.72 0.85
CA GLU A 177 -14.68 11.16 0.11
C GLU A 177 -14.60 9.65 0.27
N LEU A 178 -14.91 9.14 1.48
CA LEU A 178 -14.83 7.71 1.74
C LEU A 178 -15.83 6.93 0.90
N GLU A 179 -17.04 7.45 0.71
CA GLU A 179 -18.11 6.70 0.07
C GLU A 179 -18.37 7.14 -1.36
N ARG A 180 -17.51 7.96 -1.95
CA ARG A 180 -17.66 8.31 -3.36
C ARG A 180 -17.45 7.07 -4.22
N LYS A 181 -18.07 7.07 -5.39
CA LYS A 181 -17.94 5.97 -6.34
C LYS A 181 -17.57 6.54 -7.69
N GLU A 182 -16.29 6.43 -8.06
CA GLU A 182 -15.80 6.89 -9.35
C GLU A 182 -15.59 5.70 -10.26
N PRO A 183 -16.32 5.60 -11.36
CA PRO A 183 -16.22 4.42 -12.22
C PRO A 183 -14.89 4.40 -12.96
N PRO A 184 -14.43 3.22 -13.36
CA PRO A 184 -13.20 3.15 -14.16
C PRO A 184 -13.43 3.58 -15.59
N ASP A 185 -12.38 4.12 -16.19
CA ASP A 185 -12.32 4.30 -17.64
C ASP A 185 -11.58 3.10 -18.21
N VAL A 186 -12.24 2.36 -19.09
CA VAL A 186 -11.73 1.07 -19.56
C VAL A 186 -11.27 1.21 -21.01
N HIS A 187 -10.13 0.58 -21.32
CA HIS A 187 -9.63 0.54 -22.67
C HIS A 187 -8.96 -0.81 -22.91
N VAL A 188 -9.28 -1.44 -24.04
CA VAL A 188 -8.67 -2.69 -24.44
C VAL A 188 -7.59 -2.40 -25.46
N SER A 189 -6.35 -2.78 -25.14
CA SER A 189 -5.23 -2.60 -26.04
C SER A 189 -4.80 -3.95 -26.58
N GLY A 190 -4.27 -3.93 -27.80
CA GLY A 190 -3.82 -5.15 -28.44
C GLY A 190 -2.47 -4.97 -29.12
N LYS A 191 -1.58 -5.94 -28.94
CA LYS A 191 -0.29 -5.94 -29.63
C LYS A 191 0.03 -7.36 -30.05
N GLU A 192 0.45 -7.53 -31.30
CA GLU A 192 0.82 -8.82 -31.86
C GLU A 192 2.34 -8.94 -31.83
N GLU A 193 2.86 -9.85 -31.01
CA GLU A 193 4.29 -10.11 -30.93
C GLU A 193 4.54 -11.58 -31.22
N HIS A 194 5.35 -11.85 -32.25
CA HIS A 194 5.83 -13.19 -32.55
C HIS A 194 4.68 -14.16 -32.83
N GLY A 195 3.76 -13.72 -33.68
CA GLY A 195 2.62 -14.55 -34.03
C GLY A 195 1.61 -14.76 -32.93
N THR A 196 1.70 -14.02 -31.82
CA THR A 196 0.75 -14.12 -30.73
C THR A 196 0.18 -12.75 -30.44
N LEU A 197 -1.13 -12.65 -30.38
CA LEU A 197 -1.81 -11.41 -30.01
C LEU A 197 -1.98 -11.37 -28.50
N ILE A 198 -1.65 -10.22 -27.90
CA ILE A 198 -1.78 -10.01 -26.47
C ILE A 198 -2.84 -8.94 -26.26
N LEU A 199 -3.96 -9.30 -25.65
CA LEU A 199 -5.05 -8.38 -25.37
C LEU A 199 -5.03 -8.00 -23.90
N SER A 200 -5.04 -6.70 -23.62
CA SER A 200 -4.96 -6.18 -22.26
C SER A 200 -6.15 -5.27 -22.01
N CYS A 201 -6.94 -5.61 -20.99
CA CYS A 201 -8.09 -4.80 -20.57
C CYS A 201 -7.66 -3.95 -19.38
N HIS A 202 -7.53 -2.64 -19.60
CA HIS A 202 -7.04 -1.72 -18.59
C HIS A 202 -8.19 -0.94 -17.98
N ALA A 203 -8.13 -0.73 -16.67
CA ALA A 203 -9.15 0.02 -15.93
C ALA A 203 -8.45 1.17 -15.20
N TYR A 204 -8.83 2.41 -15.54
CA TYR A 204 -8.12 3.60 -15.07
C TYR A 204 -8.97 4.37 -14.06
N GLY A 205 -8.34 4.75 -12.95
CA GLY A 205 -8.89 5.74 -12.04
C GLY A 205 -10.20 5.44 -11.34
N PHE A 206 -10.37 4.22 -10.85
CA PHE A 206 -11.60 3.83 -10.18
C PHE A 206 -11.43 3.81 -8.67
N TYR A 207 -12.54 4.09 -7.96
CA TYR A 207 -12.61 4.09 -6.51
C TYR A 207 -14.03 3.68 -6.14
N PRO A 208 -14.21 2.80 -5.14
CA PRO A 208 -13.19 2.13 -4.32
C PRO A 208 -12.51 0.99 -5.06
N LYS A 209 -11.66 0.21 -4.38
CA LYS A 209 -10.79 -0.73 -5.08
C LYS A 209 -11.46 -2.02 -5.51
N THR A 210 -12.68 -2.30 -5.03
CA THR A 210 -13.38 -3.51 -5.47
C THR A 210 -13.77 -3.38 -6.93
N ILE A 211 -13.35 -4.34 -7.76
CA ILE A 211 -13.65 -4.32 -9.18
C ILE A 211 -13.57 -5.74 -9.72
N ALA A 212 -14.34 -6.03 -10.76
CA ALA A 212 -14.29 -7.29 -11.48
C ALA A 212 -13.91 -7.01 -12.93
N VAL A 213 -12.88 -7.70 -13.42
CA VAL A 213 -12.44 -7.61 -14.80
C VAL A 213 -12.26 -9.03 -15.32
N ASN A 214 -13.03 -9.40 -16.34
CA ASN A 214 -13.02 -10.76 -16.85
C ASN A 214 -13.13 -10.75 -18.37
N TRP A 215 -12.37 -11.66 -19.00
CA TRP A 215 -12.41 -11.84 -20.44
C TRP A 215 -13.40 -12.93 -20.81
N MET A 216 -14.12 -12.72 -21.91
CA MET A 216 -15.06 -13.67 -22.45
C MET A 216 -14.66 -14.04 -23.87
N LYS A 217 -14.68 -15.33 -24.18
CA LYS A 217 -14.51 -15.81 -25.55
C LYS A 217 -15.82 -16.49 -25.95
N GLY A 218 -16.58 -15.83 -26.81
CA GLY A 218 -17.89 -16.35 -27.15
C GLY A 218 -18.79 -16.35 -25.93
N ASP A 219 -19.38 -17.52 -25.63
CA ASP A 219 -20.24 -17.67 -24.46
C ASP A 219 -19.49 -18.20 -23.24
N GLU A 220 -18.20 -18.49 -23.36
CA GLU A 220 -17.44 -19.14 -22.30
C GLU A 220 -16.62 -18.11 -21.53
N ILE A 221 -16.53 -18.31 -20.21
CA ILE A 221 -15.61 -17.53 -19.41
C ILE A 221 -14.19 -17.96 -19.74
N TRP A 222 -13.29 -16.99 -19.84
CA TRP A 222 -11.89 -17.26 -20.21
C TRP A 222 -10.94 -16.91 -19.07
N ASP A 223 -11.41 -17.01 -17.83
CA ASP A 223 -10.54 -16.79 -16.67
C ASP A 223 -9.39 -17.77 -16.63
N GLN A 224 -9.51 -18.92 -17.32
CA GLN A 224 -8.47 -19.94 -17.28
C GLN A 224 -7.15 -19.43 -17.85
N GLU A 225 -7.22 -18.72 -18.98
CA GLU A 225 -6.04 -18.19 -19.65
C GLU A 225 -5.83 -16.71 -19.37
N THR A 226 -6.39 -16.19 -18.28
CA THR A 226 -6.32 -14.77 -17.97
C THR A 226 -5.27 -14.52 -16.90
N GLU A 227 -4.38 -13.55 -17.17
CA GLU A 227 -3.42 -13.07 -16.19
C GLU A 227 -3.92 -11.74 -15.65
N TRP A 228 -4.08 -11.66 -14.32
CA TRP A 228 -4.55 -10.45 -13.68
C TRP A 228 -3.40 -9.69 -13.05
N GLY A 229 -3.44 -8.38 -13.18
CA GLY A 229 -2.56 -7.53 -12.41
C GLY A 229 -3.15 -7.23 -11.04
N GLY A 230 -2.32 -6.65 -10.19
CA GLY A 230 -2.81 -6.20 -8.91
C GLY A 230 -3.75 -5.03 -9.05
N VAL A 231 -4.44 -4.72 -7.96
CA VAL A 231 -5.23 -3.50 -7.85
C VAL A 231 -4.31 -2.47 -7.20
N VAL A 232 -3.68 -1.64 -8.04
CA VAL A 232 -2.56 -0.81 -7.62
C VAL A 232 -3.02 0.65 -7.52
N PRO A 233 -2.38 1.48 -6.70
CA PRO A 233 -2.87 2.85 -6.51
C PRO A 233 -2.28 3.83 -7.51
N ASN A 234 -3.11 4.82 -7.85
CA ASN A 234 -2.64 6.01 -8.54
C ASN A 234 -2.25 7.06 -7.52
N SER A 235 -1.52 8.07 -7.99
CA SER A 235 -1.07 9.13 -7.10
C SER A 235 -2.23 9.98 -6.58
N ASP A 236 -3.39 9.95 -7.24
CA ASP A 236 -4.54 10.76 -6.87
C ASP A 236 -5.50 10.04 -5.91
N GLY A 237 -5.18 8.83 -5.48
CA GLY A 237 -6.03 8.10 -4.56
C GLY A 237 -6.97 7.10 -5.20
N THR A 238 -7.06 7.08 -6.52
CA THR A 238 -7.84 6.07 -7.23
C THR A 238 -6.94 4.86 -7.51
N PHE A 239 -7.51 3.85 -8.18
CA PHE A 239 -6.80 2.59 -8.37
C PHE A 239 -6.71 2.22 -9.84
N HIS A 240 -5.84 1.26 -10.12
CA HIS A 240 -5.59 0.75 -11.46
C HIS A 240 -5.49 -0.76 -11.41
N THR A 241 -5.94 -1.41 -12.48
CA THR A 241 -5.77 -2.86 -12.62
C THR A 241 -5.92 -3.23 -14.09
N TRP A 242 -5.55 -4.48 -14.40
CA TRP A 242 -5.67 -4.95 -15.77
C TRP A 242 -5.91 -6.46 -15.76
N ALA A 243 -6.40 -6.96 -16.90
CA ALA A 243 -6.56 -8.38 -17.14
C ALA A 243 -6.06 -8.68 -18.54
N ARG A 244 -5.16 -9.65 -18.65
CA ARG A 244 -4.41 -9.91 -19.86
C ARG A 244 -4.62 -11.34 -20.31
N ILE A 245 -4.79 -11.54 -21.63
CA ILE A 245 -4.90 -12.86 -22.22
C ILE A 245 -4.07 -12.88 -23.49
N GLU A 246 -3.70 -14.09 -23.91
CA GLU A 246 -3.04 -14.33 -25.18
C GLU A 246 -4.02 -15.04 -26.11
N ALA A 247 -3.89 -14.77 -27.40
CA ALA A 247 -4.84 -15.30 -28.36
C ALA A 247 -4.19 -15.44 -29.73
N LEU A 248 -4.80 -16.29 -30.55
CA LEU A 248 -4.42 -16.33 -31.96
C LEU A 248 -4.85 -15.03 -32.63
N PRO A 249 -4.01 -14.42 -33.45
CA PRO A 249 -4.42 -13.16 -34.11
C PRO A 249 -5.70 -13.29 -34.93
N GLU A 250 -5.90 -14.43 -35.59
CA GLU A 250 -7.07 -14.61 -36.45
C GLU A 250 -8.38 -14.73 -35.67
N GLU A 251 -8.33 -14.87 -34.34
CA GLU A 251 -9.53 -14.98 -33.53
C GLU A 251 -9.75 -13.75 -32.65
N ARG A 252 -9.21 -12.59 -33.06
CA ARG A 252 -9.20 -11.41 -32.19
C ARG A 252 -10.60 -10.96 -31.82
N GLU A 253 -11.58 -11.20 -32.70
CA GLU A 253 -12.91 -10.63 -32.54
C GLU A 253 -13.84 -11.50 -31.72
N GLN A 254 -13.39 -12.68 -31.29
CA GLN A 254 -14.17 -13.54 -30.41
C GLN A 254 -14.01 -13.17 -28.94
N TYR A 255 -13.14 -12.23 -28.62
CA TYR A 255 -12.83 -11.89 -27.24
C TYR A 255 -13.37 -10.52 -26.88
N ARG A 256 -13.88 -10.39 -25.65
CA ARG A 256 -14.36 -9.13 -25.13
C ARG A 256 -14.13 -9.08 -23.63
N CYS A 257 -14.10 -7.86 -23.08
CA CYS A 257 -13.81 -7.64 -21.68
C CYS A 257 -15.06 -7.13 -20.95
N ARG A 258 -15.36 -7.73 -19.81
CA ARG A 258 -16.47 -7.32 -18.96
C ARG A 258 -15.92 -6.73 -17.66
N VAL A 259 -16.37 -5.52 -17.33
CA VAL A 259 -15.90 -4.83 -16.14
C VAL A 259 -17.11 -4.39 -15.30
N GLU A 260 -17.09 -4.73 -14.01
CA GLU A 260 -18.11 -4.31 -13.07
C GLU A 260 -17.46 -3.54 -11.92
N HIS A 261 -18.12 -2.47 -11.47
CA HIS A 261 -17.59 -1.62 -10.43
C HIS A 261 -18.74 -0.88 -9.78
N PRO A 262 -18.70 -0.62 -8.47
CA PRO A 262 -19.80 0.10 -7.82
C PRO A 262 -20.14 1.45 -8.44
N GLY A 263 -19.20 2.08 -9.13
CA GLY A 263 -19.47 3.35 -9.78
C GLY A 263 -20.15 3.29 -11.11
N MET A 264 -20.38 2.11 -11.67
CA MET A 264 -21.03 1.95 -12.96
C MET A 264 -22.48 1.54 -12.76
N PRO A 265 -23.42 2.27 -13.37
CA PRO A 265 -24.83 1.85 -13.26
C PRO A 265 -25.09 0.47 -13.82
N GLU A 266 -24.37 0.09 -14.87
CA GLU A 266 -24.42 -1.21 -15.51
C GLU A 266 -23.00 -1.73 -15.71
N PRO A 267 -22.82 -3.04 -15.69
CA PRO A 267 -21.52 -3.59 -16.11
C PRO A 267 -21.26 -3.29 -17.58
N GLY A 268 -20.05 -2.86 -17.87
CA GLY A 268 -19.67 -2.47 -19.22
C GLY A 268 -18.94 -3.58 -19.95
N ILE A 269 -19.17 -3.65 -21.25
CA ILE A 269 -18.52 -4.63 -22.11
C ILE A 269 -17.62 -3.88 -23.10
N PHE A 270 -16.42 -4.39 -23.30
CA PHE A 270 -15.41 -3.70 -24.10
C PHE A 270 -14.66 -4.72 -24.96
N ALA A 271 -14.10 -4.23 -26.06
CA ALA A 271 -13.35 -5.08 -26.98
C ALA A 271 -12.21 -4.26 -27.58
N TRP A 272 -11.24 -4.97 -28.15
CA TRP A 272 -10.16 -4.29 -28.87
C TRP A 272 -10.70 -3.72 -30.18
N GLU A 273 -10.49 -2.42 -30.38
CA GLU A 273 -10.95 -1.72 -31.57
C GLU A 273 -9.75 -1.04 -32.21
N PRO A 274 -8.95 -1.79 -33.00
CA PRO A 274 -7.76 -1.25 -33.65
C PRO A 274 -8.08 -0.24 -34.75
N GLY B 25 16.37 -11.12 2.72
CA GLY B 25 16.28 -10.32 1.51
C GLY B 25 15.25 -10.82 0.52
N GLU B 26 14.40 -9.91 0.04
CA GLU B 26 13.38 -10.24 -0.95
C GLU B 26 13.47 -9.26 -2.11
N ALA B 27 13.50 -9.79 -3.34
CA ALA B 27 13.63 -8.96 -4.54
C ALA B 27 12.32 -8.21 -4.81
N PRO B 28 12.40 -6.96 -5.26
CA PRO B 28 11.19 -6.18 -5.49
C PRO B 28 10.43 -6.62 -6.74
N LYS B 29 9.11 -6.50 -6.66
CA LYS B 29 8.22 -6.67 -7.80
C LYS B 29 7.81 -5.29 -8.32
N VAL B 30 7.75 -5.15 -9.64
CA VAL B 30 7.62 -3.85 -10.29
C VAL B 30 6.46 -3.87 -11.28
N GLU B 31 5.53 -2.94 -11.13
CA GLU B 31 4.47 -2.69 -12.10
C GLU B 31 4.55 -1.24 -12.55
N VAL B 32 4.38 -1.02 -13.85
CA VAL B 32 4.44 0.31 -14.44
C VAL B 32 3.11 0.58 -15.14
N TYR B 33 2.54 1.76 -14.90
CA TYR B 33 1.23 2.09 -15.42
C TYR B 33 1.01 3.59 -15.37
N ALA B 34 0.19 4.08 -16.28
CA ALA B 34 -0.22 5.49 -16.32
C ALA B 34 -1.57 5.67 -15.62
N ARG B 35 -1.81 6.91 -15.19
CA ARG B 35 -3.09 7.24 -14.55
C ARG B 35 -4.25 7.04 -15.51
N SER B 36 -4.10 7.47 -16.75
CA SER B 36 -5.15 7.38 -17.75
C SER B 36 -4.59 6.77 -19.03
N ARG B 37 -5.51 6.28 -19.87
CA ARG B 37 -5.14 5.78 -21.19
C ARG B 37 -4.39 6.85 -21.96
N ALA B 38 -3.28 6.47 -22.57
CA ALA B 38 -2.38 7.44 -23.16
C ALA B 38 -3.01 8.12 -24.38
N GLU B 39 -2.83 9.44 -24.47
CA GLU B 39 -3.25 10.23 -25.60
C GLU B 39 -2.17 11.28 -25.88
N GLU B 40 -1.82 11.45 -27.15
CA GLU B 40 -0.73 12.34 -27.52
C GLU B 40 -1.03 13.77 -27.09
N GLY B 41 -0.02 14.44 -26.55
CA GLY B 41 -0.15 15.81 -26.12
C GLY B 41 -0.93 16.01 -24.83
N LYS B 42 -1.51 14.97 -24.26
CA LYS B 42 -2.32 15.08 -23.05
C LYS B 42 -1.47 14.75 -21.83
N GLU B 43 -1.58 15.58 -20.80
CA GLU B 43 -0.81 15.38 -19.59
C GLU B 43 -1.27 14.13 -18.86
N ASN B 44 -0.32 13.33 -18.39
CA ASN B 44 -0.59 12.08 -17.72
C ASN B 44 0.35 11.95 -16.53
N ILE B 45 0.25 10.84 -15.81
CA ILE B 45 1.17 10.52 -14.72
C ILE B 45 1.64 9.10 -14.92
N LEU B 46 2.94 8.89 -14.90
CA LEU B 46 3.54 7.57 -15.02
C LEU B 46 3.89 7.05 -13.64
N HIS B 47 3.35 5.88 -13.30
CA HIS B 47 3.54 5.29 -11.98
C HIS B 47 4.49 4.10 -12.06
N CYS B 48 5.23 3.89 -10.97
CA CYS B 48 6.04 2.69 -10.79
C CYS B 48 5.78 2.19 -9.38
N PHE B 49 5.05 1.08 -9.28
CA PHE B 49 4.64 0.52 -7.99
C PHE B 49 5.55 -0.66 -7.68
N ILE B 50 6.39 -0.50 -6.66
CA ILE B 50 7.40 -1.48 -6.28
C ILE B 50 6.92 -2.15 -5.01
N THR B 51 6.86 -3.48 -5.00
CA THR B 51 6.32 -4.23 -3.88
C THR B 51 7.20 -5.43 -3.56
N GLY B 52 7.01 -5.94 -2.34
CA GLY B 52 7.53 -7.24 -1.97
C GLY B 52 9.00 -7.30 -1.63
N PHE B 53 9.62 -6.17 -1.30
CA PHE B 53 11.05 -6.12 -1.10
C PHE B 53 11.40 -5.80 0.35
N HIS B 54 12.61 -6.20 0.72
CA HIS B 54 13.21 -6.00 2.04
C HIS B 54 14.71 -6.24 1.89
N PRO B 55 15.57 -5.37 2.43
CA PRO B 55 15.32 -4.17 3.27
C PRO B 55 14.67 -3.02 2.50
N PRO B 56 14.23 -1.95 3.17
CA PRO B 56 13.43 -0.93 2.47
C PRO B 56 14.22 0.03 1.57
N LYS B 57 15.55 0.01 1.61
CA LYS B 57 16.31 0.93 0.76
C LYS B 57 16.24 0.47 -0.69
N ILE B 58 15.89 1.40 -1.58
CA ILE B 58 15.73 1.06 -3.00
C ILE B 58 15.96 2.32 -3.82
N ASP B 59 16.51 2.15 -5.01
CA ASP B 59 16.80 3.24 -5.95
C ASP B 59 15.90 3.09 -7.17
N VAL B 60 15.00 4.05 -7.37
CA VAL B 60 14.02 4.01 -8.45
C VAL B 60 14.19 5.25 -9.30
N GLU B 61 14.30 5.05 -10.61
CA GLU B 61 14.40 6.14 -11.57
C GLU B 61 13.37 5.94 -12.67
N LEU B 62 12.72 7.04 -13.07
CA LEU B 62 11.80 7.06 -14.19
C LEU B 62 12.49 7.75 -15.36
N LEU B 63 12.72 7.00 -16.44
CA LEU B 63 13.55 7.46 -17.55
C LEU B 63 12.71 7.58 -18.82
N LYS B 64 13.07 8.56 -19.63
CA LYS B 64 12.51 8.74 -20.97
C LYS B 64 13.67 8.71 -21.96
N ASN B 65 13.74 7.65 -22.76
CA ASN B 65 14.88 7.38 -23.63
C ASN B 65 16.19 7.32 -22.84
N GLY B 66 16.12 6.75 -21.64
CA GLY B 66 17.28 6.61 -20.79
C GLY B 66 17.65 7.86 -20.01
N GLU B 67 16.85 8.92 -20.08
CA GLU B 67 17.16 10.14 -19.39
C GLU B 67 16.23 10.35 -18.21
N PRO B 68 16.73 10.73 -17.03
CA PRO B 68 15.85 10.91 -15.87
C PRO B 68 14.81 11.99 -16.14
N MET B 69 13.57 11.67 -15.85
CA MET B 69 12.50 12.60 -16.11
C MET B 69 12.35 13.60 -14.97
N PRO B 70 11.99 14.84 -15.27
CA PRO B 70 11.92 15.87 -14.22
C PRO B 70 10.66 15.75 -13.38
N GLY B 71 10.81 15.96 -12.08
CA GLY B 71 9.69 15.96 -11.18
C GLY B 71 9.30 14.62 -10.61
N VAL B 72 10.24 13.68 -10.52
CA VAL B 72 9.95 12.36 -9.98
C VAL B 72 9.64 12.48 -8.49
N THR B 73 8.47 12.00 -8.08
CA THR B 73 8.02 12.06 -6.70
C THR B 73 8.01 10.66 -6.09
N TYR B 74 8.55 10.55 -4.88
CA TYR B 74 8.53 9.31 -4.13
C TYR B 74 7.30 9.28 -3.23
N GLY B 75 6.44 8.28 -3.40
CA GLY B 75 5.33 8.08 -2.50
C GLY B 75 5.80 7.62 -1.14
N ASP B 76 4.84 7.38 -0.27
CA ASP B 76 5.14 7.02 1.09
C ASP B 76 5.36 5.52 1.21
N LEU B 77 6.20 5.15 2.18
CA LEU B 77 6.63 3.77 2.35
C LEU B 77 5.69 3.04 3.29
N SER B 78 5.15 1.91 2.82
CA SER B 78 4.26 1.06 3.62
C SER B 78 4.75 -0.39 3.49
N PHE B 79 4.02 -1.31 4.12
CA PHE B 79 4.40 -2.73 4.08
C PHE B 79 3.15 -3.59 4.13
N ASN B 80 3.31 -4.86 3.76
CA ASN B 80 2.20 -5.79 3.68
C ASN B 80 2.20 -6.72 4.90
N ASP B 81 1.40 -7.79 4.82
CA ASP B 81 1.28 -8.70 5.96
C ASP B 81 2.56 -9.47 6.21
N LYS B 82 3.36 -9.72 5.17
CA LYS B 82 4.62 -10.44 5.33
C LYS B 82 5.79 -9.49 5.62
N TRP B 83 5.49 -8.25 6.04
CA TRP B 83 6.50 -7.27 6.43
C TRP B 83 7.40 -6.88 5.24
N GLN B 84 6.87 -7.05 4.02
CA GLN B 84 7.57 -6.65 2.81
C GLN B 84 7.12 -5.24 2.43
N PHE B 85 8.09 -4.37 2.13
CA PHE B 85 7.79 -2.98 1.89
C PHE B 85 7.21 -2.76 0.50
N GLN B 86 6.62 -1.58 0.31
CA GLN B 86 6.16 -1.18 -1.00
C GLN B 86 6.20 0.34 -1.07
N ARG B 87 6.29 0.87 -2.29
CA ARG B 87 6.35 2.31 -2.46
C ARG B 87 5.89 2.66 -3.87
N LEU B 88 5.05 3.68 -3.95
CA LEU B 88 4.63 4.22 -5.23
C LEU B 88 5.59 5.33 -5.65
N VAL B 89 6.07 5.27 -6.88
CA VAL B 89 6.91 6.30 -7.46
C VAL B 89 6.27 6.75 -8.76
N TYR B 90 6.14 8.07 -8.94
CA TYR B 90 5.36 8.58 -10.06
C TYR B 90 5.95 9.91 -10.52
N VAL B 91 5.63 10.26 -11.76
CA VAL B 91 6.10 11.50 -12.36
C VAL B 91 5.08 11.99 -13.38
N PRO B 92 4.79 13.28 -13.42
CA PRO B 92 3.95 13.80 -14.51
C PRO B 92 4.69 13.75 -15.83
N PHE B 93 3.96 13.46 -16.90
CA PHE B 93 4.57 13.39 -18.22
C PHE B 93 3.49 13.48 -19.29
N ILE B 94 3.95 13.65 -20.52
CA ILE B 94 3.12 13.58 -21.72
C ILE B 94 3.61 12.41 -22.55
N PRO B 95 2.81 11.37 -22.76
CA PRO B 95 3.29 10.22 -23.54
C PRO B 95 3.39 10.57 -25.01
N THR B 96 4.57 10.34 -25.57
CA THR B 96 4.80 10.51 -27.00
C THR B 96 5.00 9.15 -27.65
N ARG B 97 4.72 9.08 -28.95
CA ARG B 97 4.56 7.80 -29.63
C ARG B 97 5.87 7.15 -30.02
N GLU B 98 6.98 7.89 -30.08
CA GLU B 98 8.25 7.32 -30.54
C GLU B 98 9.36 7.50 -29.52
N ASP B 99 9.03 7.47 -28.22
CA ASP B 99 10.00 7.47 -27.15
C ASP B 99 9.80 6.25 -26.27
N ILE B 100 10.84 5.91 -25.49
CA ILE B 100 10.83 4.75 -24.61
C ILE B 100 10.75 5.24 -23.17
N PHE B 101 9.70 4.81 -22.47
CA PHE B 101 9.51 5.16 -21.07
C PHE B 101 9.74 3.91 -20.22
N THR B 102 10.61 4.03 -19.21
CA THR B 102 11.00 2.91 -18.38
C THR B 102 11.13 3.33 -16.93
N CYS B 103 10.83 2.39 -16.03
CA CYS B 103 11.16 2.51 -14.62
C CYS B 103 12.37 1.62 -14.35
N ARG B 104 13.37 2.16 -13.66
CA ARG B 104 14.60 1.44 -13.38
C ARG B 104 14.78 1.30 -11.88
N VAL B 105 14.97 0.08 -11.42
CA VAL B 105 14.94 -0.25 -10.00
C VAL B 105 16.24 -0.93 -9.62
N ALA B 106 16.89 -0.42 -8.58
CA ALA B 106 18.10 -1.01 -8.02
C ALA B 106 17.85 -1.37 -6.57
N HIS B 107 18.25 -2.59 -6.18
CA HIS B 107 18.02 -3.08 -4.83
C HIS B 107 19.20 -3.97 -4.45
N SER B 108 19.48 -4.03 -3.14
CA SER B 108 20.63 -4.80 -2.67
C SER B 108 20.54 -6.27 -3.04
N THR B 109 19.31 -6.80 -3.17
CA THR B 109 19.12 -8.19 -3.54
C THR B 109 19.29 -8.43 -5.04
N MET B 110 19.46 -7.38 -5.84
CA MET B 110 19.62 -7.54 -7.27
C MET B 110 21.08 -7.33 -7.66
N PRO B 111 21.66 -8.23 -8.47
CA PRO B 111 23.05 -8.03 -8.89
C PRO B 111 23.23 -6.81 -9.78
N GLU B 112 22.23 -6.46 -10.57
CA GLU B 112 22.26 -5.31 -11.45
C GLU B 112 20.87 -4.68 -11.49
N PRO B 113 20.78 -3.38 -11.76
CA PRO B 113 19.46 -2.76 -11.92
C PRO B 113 18.69 -3.39 -13.06
N ARG B 114 17.37 -3.37 -12.94
CA ARG B 114 16.47 -3.85 -13.98
C ARG B 114 15.57 -2.72 -14.45
N SER B 115 15.32 -2.69 -15.76
CA SER B 115 14.42 -1.72 -16.36
C SER B 115 13.09 -2.39 -16.71
N TYR B 116 12.00 -1.67 -16.45
CA TYR B 116 10.65 -2.14 -16.75
C TYR B 116 9.99 -1.09 -17.64
N ARG B 117 9.74 -1.47 -18.89
CA ARG B 117 9.21 -0.52 -19.88
C ARG B 117 7.71 -0.33 -19.73
N TRP B 118 7.27 0.91 -19.83
CA TRP B 118 5.85 1.23 -19.90
C TRP B 118 5.39 1.18 -21.35
N GLU B 119 4.37 0.38 -21.63
CA GLU B 119 3.85 0.24 -22.97
C GLU B 119 2.65 1.16 -23.15
N PRO B 120 2.73 2.20 -23.99
CA PRO B 120 1.60 3.12 -24.11
C PRO B 120 0.46 2.49 -24.91
N ASP B 121 -0.76 2.65 -24.41
CA ASP B 121 -1.95 2.18 -25.11
C ASP B 121 -2.59 3.34 -25.87
N PHE B 122 -1.86 3.80 -26.89
CA PHE B 122 -2.38 4.83 -27.77
C PHE B 122 -3.53 4.28 -28.62
N LYS C 1 -6.99 7.69 16.06
CA LYS C 1 -5.93 8.22 16.90
C LYS C 1 -4.86 7.16 17.15
N THR C 2 -3.59 7.56 17.11
CA THR C 2 -2.50 6.65 17.42
C THR C 2 -2.52 6.29 18.90
N MET C 3 -1.88 5.17 19.21
CA MET C 3 -1.50 4.81 20.57
C MET C 3 0.01 4.61 20.58
N MET C 4 0.62 4.81 21.74
CA MET C 4 2.07 4.72 21.83
C MET C 4 2.50 3.25 21.87
N ALA C 5 3.66 2.99 21.29
CA ALA C 5 4.23 1.65 21.35
C ALA C 5 4.83 1.41 22.74
N HIS C 6 4.87 0.15 23.14
CA HIS C 6 5.47 -0.24 24.40
C HIS C 6 6.89 -0.73 24.16
N ASP C 7 7.75 -0.52 25.16
CA ASP C 7 9.10 -1.04 25.10
C ASP C 7 9.08 -2.55 25.08
N LEU C 8 10.00 -3.15 24.32
CA LEU C 8 10.06 -4.60 24.19
C LEU C 8 10.85 -5.23 25.34
C1 GOL D . -6.63 -3.81 10.27
O1 GOL D . -7.57 -2.89 10.78
C2 GOL D . -6.28 -4.84 11.32
O2 GOL D . -5.39 -4.24 12.24
C3 GOL D . -7.55 -5.33 12.01
O3 GOL D . -7.28 -6.56 12.64
C1 GOL E . -10.99 7.67 -14.55
O1 GOL E . -10.63 8.71 -15.42
C2 GOL E . -12.09 8.14 -13.62
O2 GOL E . -11.50 8.75 -12.49
C3 GOL E . -12.99 9.12 -14.35
O3 GOL E . -14.07 9.44 -13.50
C1 GOL F . -11.41 -9.33 -10.81
O1 GOL F . -10.42 -8.68 -11.57
C2 GOL F . -11.83 -10.62 -11.49
O2 GOL F . -10.87 -11.62 -11.19
C3 GOL F . -13.22 -11.05 -11.04
O3 GOL F . -13.34 -12.44 -11.32
C1 GOL G . -21.24 0.09 15.43
O1 GOL G . -22.51 0.69 15.48
C2 GOL G . -20.71 -0.11 16.84
O2 GOL G . -19.57 0.70 16.98
C3 GOL G . -21.77 0.24 17.87
O3 GOL G . -21.74 -0.73 18.90
C1 GOL H . 1.88 -3.20 -18.90
O1 GOL H . 2.82 -3.89 -18.10
C2 GOL H . 0.54 -3.21 -18.19
O2 GOL H . 0.06 -4.54 -18.13
C3 GOL H . 0.67 -2.61 -16.80
O3 GOL H . 0.49 -1.22 -16.91
C1 GOL I . -1.10 1.14 -18.55
O1 GOL I . -1.14 2.54 -18.40
C2 GOL I . -0.31 0.80 -19.80
O2 GOL I . 0.51 -0.31 -19.54
C3 GOL I . -1.24 0.55 -20.97
O3 GOL I . -0.49 -0.08 -21.99
#